data_6EWF
#
_entry.id   6EWF
#
_cell.length_a   46.390
_cell.length_b   90.220
_cell.length_c   52.530
_cell.angle_alpha   90.000
_cell.angle_beta   111.905
_cell.angle_gamma   90.000
#
_symmetry.space_group_name_H-M   'P 1 21 1'
#
loop_
_entity.id
_entity.type
_entity.pdbx_description
1 polymer 'Glycylpeptide N-tetradecanoyltransferase'
2 non-polymer TETRADECANOYL-COA
3 non-polymer N-[2-(3-methoxyphenyl)ethanimidoyl]-2-piperidin-4-yloxy-benzamide
4 water water
#
_entity_poly.entity_id   1
_entity_poly.type   'polypeptide(L)'
_entity_poly.pdbx_seq_one_letter_code
;MGSSHHHHHHSSGRENLYFQGPSNSDAAHAFWSTQPVPQTEDETEKIVFAGPMDEPKTVADIPEEPYPIASTFEWWTPNM
EAADDIHAIYELLRDNYVEDDDSMFRFNYSEEFLQWALCPPNYIPDWHVAVRRKADKKLLAFIAGVPVTLRMGTPKYMKV
KAQEKGEGEEAAKYDEPRHICEINFLCVHKQLREKRLAPILIKEATRRVNRTNVWQAVYTAGVLLPTPYASGQYFHRSLN
PEKLVEIRFSGIPAQYQKFQNPMAMLKRNYQLPSAPKNSGLREMKPSDVPQVRRILMNYLDSFDVGPVFSDAEISHYLLP
RDGVVFTYVVENDKKVTDFFSFYRIPSTVIGNSNYNLLNAAYVHYYAATSIPLHQLILDLLIVAHSRGFDVCNMVEILDN
RSFVEQLKFGAGDGHLRYYFYNWAYPKIKPSQVALVML
;
_entity_poly.pdbx_strand_id   A
#
# COMPACT_ATOMS: atom_id res chain seq x y z
N ALA A 28 0.58 -14.44 -24.28
CA ALA A 28 0.60 -13.00 -24.05
C ALA A 28 1.44 -12.66 -22.82
N HIS A 29 1.45 -13.57 -21.85
CA HIS A 29 2.22 -13.40 -20.62
C HIS A 29 3.11 -14.62 -20.48
N ALA A 30 4.33 -14.52 -20.98
CA ALA A 30 5.23 -15.68 -20.94
C ALA A 30 5.60 -16.09 -19.52
N PHE A 31 5.65 -15.16 -18.56
CA PHE A 31 5.87 -15.57 -17.16
C PHE A 31 4.57 -15.81 -16.40
N TRP A 32 3.64 -14.83 -16.42
CA TRP A 32 2.45 -14.99 -15.60
C TRP A 32 1.55 -16.16 -16.05
N SER A 33 1.62 -16.59 -17.33
CA SER A 33 0.86 -17.77 -17.72
C SER A 33 1.35 -19.05 -17.05
N THR A 34 2.52 -19.03 -16.39
CA THR A 34 3.06 -20.21 -15.71
C THR A 34 2.76 -20.20 -14.22
N GLN A 35 2.06 -19.14 -13.70
CA GLN A 35 1.91 -18.96 -12.29
C GLN A 35 0.50 -19.28 -11.83
N PRO A 36 0.35 -19.63 -10.55
CA PRO A 36 -0.97 -19.96 -9.99
C PRO A 36 -1.79 -18.71 -9.71
N VAL A 37 -2.21 -18.03 -10.78
CA VAL A 37 -3.10 -16.87 -10.71
C VAL A 37 -4.17 -17.09 -11.78
N PRO A 38 -5.38 -16.57 -11.59
CA PRO A 38 -6.37 -16.63 -12.66
C PRO A 38 -5.81 -15.89 -13.87
N GLN A 39 -6.06 -16.41 -15.07
CA GLN A 39 -5.34 -15.89 -16.22
C GLN A 39 -6.10 -14.81 -16.99
N THR A 40 -7.42 -14.69 -16.80
CA THR A 40 -8.23 -13.71 -17.53
C THR A 40 -9.30 -13.15 -16.61
N GLU A 41 -9.83 -11.96 -16.97
CA GLU A 41 -10.95 -11.40 -16.22
C GLU A 41 -12.13 -12.36 -16.25
N ASP A 42 -12.35 -13.05 -17.38
CA ASP A 42 -13.44 -14.01 -17.51
C ASP A 42 -13.29 -15.16 -16.53
N GLU A 43 -12.06 -15.66 -16.35
CA GLU A 43 -11.85 -16.69 -15.33
C GLU A 43 -12.19 -16.15 -13.95
N THR A 44 -11.76 -14.93 -13.65
CA THR A 44 -12.01 -14.37 -12.32
C THR A 44 -13.48 -14.11 -12.09
N GLU A 45 -14.19 -13.71 -13.15
CA GLU A 45 -15.62 -13.46 -13.02
C GLU A 45 -16.38 -14.71 -12.64
N LYS A 46 -15.83 -15.90 -12.95
CA LYS A 46 -16.46 -17.17 -12.64
C LYS A 46 -16.19 -17.66 -11.22
N ILE A 47 -15.25 -17.07 -10.48
CA ILE A 47 -14.89 -17.57 -9.15
C ILE A 47 -15.96 -17.18 -8.15
N VAL A 48 -16.41 -18.14 -7.35
CA VAL A 48 -17.41 -17.90 -6.33
C VAL A 48 -16.84 -17.96 -4.92
N PHE A 49 -15.97 -18.94 -4.61
CA PHE A 49 -15.48 -19.13 -3.25
C PHE A 49 -13.98 -18.89 -3.20
N ALA A 50 -13.49 -18.40 -2.06
CA ALA A 50 -12.07 -18.25 -1.85
C ALA A 50 -11.40 -19.60 -1.70
N GLY A 51 -10.17 -19.71 -2.20
CA GLY A 51 -9.36 -20.88 -1.87
C GLY A 51 -8.09 -20.92 -2.70
N PRO A 52 -7.22 -21.88 -2.41
CA PRO A 52 -5.98 -21.98 -3.19
C PRO A 52 -6.25 -22.28 -4.64
N MET A 53 -5.29 -21.86 -5.48
CA MET A 53 -5.31 -22.22 -6.90
C MET A 53 -4.65 -23.58 -7.13
N ASP A 54 -3.51 -23.81 -6.50
CA ASP A 54 -2.72 -25.04 -6.63
C ASP A 54 -3.24 -26.08 -5.67
N GLU A 55 -3.13 -27.34 -6.06
CA GLU A 55 -3.19 -28.38 -5.04
C GLU A 55 -2.02 -28.21 -4.06
N PRO A 56 -2.13 -28.72 -2.85
CA PRO A 56 -1.11 -28.37 -1.86
C PRO A 56 0.26 -28.91 -2.23
N LYS A 57 1.27 -28.15 -1.83
CA LYS A 57 2.68 -28.56 -1.83
C LYS A 57 3.22 -28.59 -0.41
N THR A 58 4.40 -29.17 -0.24
CA THR A 58 5.04 -29.21 1.08
C THR A 58 6.36 -28.45 1.08
N VAL A 59 6.81 -28.03 2.27
CA VAL A 59 8.12 -27.41 2.40
C VAL A 59 9.21 -28.36 1.86
N ALA A 60 9.06 -29.64 2.14
CA ALA A 60 10.00 -30.66 1.63
C ALA A 60 10.11 -30.64 0.11
N ASP A 61 9.04 -30.26 -0.59
CA ASP A 61 9.08 -30.19 -2.05
C ASP A 61 9.91 -29.02 -2.59
N ILE A 62 10.20 -28.02 -1.79
CA ILE A 62 10.79 -26.80 -2.32
C ILE A 62 12.30 -26.89 -2.33
N PRO A 63 12.93 -26.52 -3.45
CA PRO A 63 14.40 -26.50 -3.55
C PRO A 63 15.04 -25.73 -2.40
N GLU A 64 16.07 -26.35 -1.84
CA GLU A 64 16.93 -25.71 -0.86
C GLU A 64 17.78 -24.61 -1.46
N GLU A 65 18.21 -24.81 -2.68
CA GLU A 65 19.19 -23.93 -3.29
C GLU A 65 18.49 -22.73 -3.94
N PRO A 66 19.06 -21.53 -3.88
CA PRO A 66 18.46 -20.39 -4.58
C PRO A 66 18.30 -20.64 -6.07
N TYR A 67 17.33 -19.94 -6.62
CA TYR A 67 17.02 -20.06 -8.03
C TYR A 67 18.23 -19.66 -8.87
N PRO A 68 18.51 -20.38 -9.95
CA PRO A 68 19.68 -20.05 -10.78
C PRO A 68 19.68 -18.63 -11.31
N ILE A 69 20.85 -17.99 -11.26
CA ILE A 69 21.06 -16.71 -11.91
C ILE A 69 22.46 -16.70 -12.51
N ALA A 70 22.66 -15.75 -13.42
CA ALA A 70 23.95 -15.70 -14.13
C ALA A 70 25.09 -15.64 -13.13
N SER A 71 26.19 -16.32 -13.46
CA SER A 71 27.24 -16.51 -12.49
C SER A 71 28.01 -15.24 -12.16
N THR A 72 27.79 -14.16 -12.90
CA THR A 72 28.36 -12.89 -12.48
C THR A 72 27.47 -12.15 -11.49
N PHE A 73 26.28 -12.68 -11.19
CA PHE A 73 25.39 -12.10 -10.19
C PHE A 73 25.38 -13.03 -9.00
N GLU A 74 24.95 -12.50 -7.87
CA GLU A 74 24.70 -13.31 -6.69
C GLU A 74 23.46 -12.79 -5.97
N TRP A 75 22.82 -13.69 -5.25
CA TRP A 75 21.76 -13.35 -4.33
C TRP A 75 22.34 -12.77 -3.05
N TRP A 76 21.60 -11.81 -2.47
CA TRP A 76 22.04 -11.13 -1.27
C TRP A 76 20.82 -10.85 -0.40
N THR A 77 20.91 -11.23 0.89
CA THR A 77 19.84 -10.90 1.82
C THR A 77 20.30 -9.72 2.63
N PRO A 78 19.82 -8.52 2.35
CA PRO A 78 20.31 -7.36 3.10
C PRO A 78 19.85 -7.45 4.54
N ASN A 79 20.62 -6.81 5.44
CA ASN A 79 20.21 -6.70 6.84
C ASN A 79 19.52 -5.36 6.98
N MET A 80 18.19 -5.37 7.03
CA MET A 80 17.45 -4.10 6.97
C MET A 80 17.42 -3.40 8.30
N GLU A 81 18.16 -3.89 9.28
CA GLU A 81 18.47 -3.18 10.52
C GLU A 81 19.90 -2.63 10.48
N ALA A 82 20.55 -2.66 9.32
CA ALA A 82 21.91 -2.15 9.16
C ALA A 82 21.84 -0.96 8.22
N ALA A 83 22.24 0.20 8.70
CA ALA A 83 22.07 1.46 7.98
C ALA A 83 22.66 1.41 6.57
N ASP A 84 23.87 0.82 6.39
CA ASP A 84 24.44 0.82 5.04
C ASP A 84 23.73 -0.13 4.08
N ASP A 85 23.11 -1.21 4.59
CA ASP A 85 22.32 -2.07 3.71
C ASP A 85 21.03 -1.35 3.32
N ILE A 86 20.42 -0.66 4.29
CA ILE A 86 19.23 0.17 3.96
C ILE A 86 19.58 1.23 2.94
N HIS A 87 20.76 1.85 3.09
CA HIS A 87 21.16 2.89 2.17
C HIS A 87 21.32 2.36 0.74
N ALA A 88 21.85 1.15 0.61
CA ALA A 88 22.01 0.56 -0.71
C ALA A 88 20.67 0.40 -1.40
N ILE A 89 19.70 -0.15 -0.67
CA ILE A 89 18.33 -0.31 -1.23
C ILE A 89 17.70 1.04 -1.50
N TYR A 90 17.89 1.98 -0.58
CA TYR A 90 17.41 3.36 -0.77
C TYR A 90 17.90 3.94 -2.10
N GLU A 91 19.19 3.76 -2.40
CA GLU A 91 19.69 4.35 -3.62
C GLU A 91 19.15 3.65 -4.86
N LEU A 92 19.07 2.31 -4.82
CA LEU A 92 18.49 1.57 -5.93
C LEU A 92 17.09 2.12 -6.23
N LEU A 93 16.26 2.20 -5.19
CA LEU A 93 14.87 2.65 -5.41
C LEU A 93 14.82 4.13 -5.78
N ARG A 94 15.68 4.97 -5.18
CA ARG A 94 15.71 6.38 -5.52
C ARG A 94 15.89 6.57 -7.01
N ASP A 95 16.79 5.77 -7.61
CA ASP A 95 17.12 5.99 -9.01
C ASP A 95 16.37 5.09 -9.97
N ASN A 96 15.65 4.04 -9.46
CA ASN A 96 15.14 3.06 -10.37
C ASN A 96 13.74 2.57 -10.05
N TYR A 97 13.07 3.14 -9.05
CA TYR A 97 11.75 2.60 -8.66
C TYR A 97 10.65 3.32 -9.44
N VAL A 98 9.39 3.23 -8.95
CA VAL A 98 8.21 3.58 -9.74
C VAL A 98 8.21 5.05 -10.17
N GLU A 99 8.01 5.26 -11.47
CA GLU A 99 7.80 6.58 -12.04
C GLU A 99 6.37 6.62 -12.56
N ASP A 100 5.86 7.84 -12.71
CA ASP A 100 4.61 7.95 -13.47
C ASP A 100 4.90 7.65 -14.95
N ASP A 101 3.81 7.47 -15.74
CA ASP A 101 4.03 7.14 -17.16
C ASP A 101 4.80 8.23 -17.92
N ASP A 102 4.72 9.47 -17.47
CA ASP A 102 5.37 10.56 -18.18
C ASP A 102 6.74 10.88 -17.61
N SER A 103 7.26 10.01 -16.76
CA SER A 103 8.61 10.16 -16.20
C SER A 103 8.81 11.59 -15.72
N MET A 104 7.85 12.06 -14.91
CA MET A 104 7.89 13.36 -14.27
C MET A 104 8.21 13.27 -12.77
N PHE A 105 7.85 12.13 -12.16
CA PHE A 105 8.02 11.94 -10.73
C PHE A 105 8.49 10.52 -10.52
N ARG A 106 9.33 10.31 -9.49
CA ARG A 106 9.77 8.95 -9.15
C ARG A 106 9.69 8.84 -7.64
N PHE A 107 9.10 7.77 -7.11
CA PHE A 107 9.09 7.68 -5.64
C PHE A 107 10.51 7.79 -5.08
N ASN A 108 10.63 8.46 -3.92
CA ASN A 108 11.90 8.55 -3.18
C ASN A 108 11.64 8.14 -1.73
N TYR A 109 11.29 6.87 -1.54
CA TYR A 109 11.10 6.34 -0.20
C TYR A 109 12.34 6.60 0.64
N SER A 110 12.15 7.09 1.86
CA SER A 110 13.34 7.37 2.69
C SER A 110 13.90 6.12 3.35
N GLU A 111 15.12 6.26 3.88
CA GLU A 111 15.73 5.13 4.57
C GLU A 111 14.93 4.75 5.82
N GLU A 112 14.41 5.73 6.55
CA GLU A 112 13.62 5.42 7.75
C GLU A 112 12.29 4.77 7.37
N PHE A 113 11.72 5.15 6.20
CA PHE A 113 10.51 4.50 5.74
C PHE A 113 10.78 3.06 5.40
N LEU A 114 11.89 2.80 4.71
CA LEU A 114 12.16 1.40 4.33
C LEU A 114 12.36 0.53 5.57
N GLN A 115 13.12 1.02 6.56
CA GLN A 115 13.28 0.26 7.80
C GLN A 115 11.93 -0.07 8.43
N TRP A 116 11.03 0.94 8.51
CA TRP A 116 9.68 0.72 9.03
C TRP A 116 8.89 -0.28 8.19
N ALA A 117 8.89 -0.11 6.88
CA ALA A 117 8.06 -0.95 6.03
C ALA A 117 8.54 -2.39 5.99
N LEU A 118 9.84 -2.58 6.05
CA LEU A 118 10.41 -3.90 5.80
C LEU A 118 10.64 -4.70 7.08
N CYS A 119 10.59 -4.07 8.25
CA CYS A 119 10.88 -4.77 9.53
C CYS A 119 9.74 -4.72 10.55
N PRO A 120 8.51 -5.11 10.19
CA PRO A 120 7.44 -5.19 11.18
C PRO A 120 7.63 -6.35 12.14
N PRO A 121 6.83 -6.45 13.19
CA PRO A 121 7.01 -7.56 14.13
C PRO A 121 7.02 -8.92 13.44
N ASN A 122 7.98 -9.75 13.87
CA ASN A 122 8.14 -11.13 13.36
C ASN A 122 8.46 -11.17 11.88
N TYR A 123 9.07 -10.13 11.37
CA TYR A 123 9.43 -10.16 9.95
C TYR A 123 10.51 -11.22 9.73
N ILE A 124 10.56 -11.70 8.48
CA ILE A 124 11.50 -12.76 8.12
C ILE A 124 12.62 -12.14 7.27
N PRO A 125 13.86 -12.11 7.76
CA PRO A 125 14.89 -11.39 6.99
C PRO A 125 15.12 -12.01 5.61
N ASP A 126 14.93 -13.34 5.53
CA ASP A 126 15.17 -14.08 4.29
C ASP A 126 14.20 -13.69 3.21
N TRP A 127 13.07 -13.04 3.58
CA TRP A 127 12.11 -12.61 2.57
C TRP A 127 12.47 -11.28 1.92
N HIS A 128 13.55 -10.65 2.33
CA HIS A 128 14.11 -9.49 1.65
C HIS A 128 15.19 -9.99 0.69
N VAL A 129 14.91 -9.91 -0.62
CA VAL A 129 15.68 -10.60 -1.66
C VAL A 129 16.32 -9.57 -2.57
N ALA A 130 17.65 -9.64 -2.71
CA ALA A 130 18.35 -8.75 -3.62
C ALA A 130 19.25 -9.50 -4.57
N VAL A 131 19.51 -8.88 -5.72
CA VAL A 131 20.53 -9.36 -6.67
C VAL A 131 21.61 -8.31 -6.70
N ARG A 132 22.87 -8.72 -6.54
CA ARG A 132 23.97 -7.78 -6.69
C ARG A 132 25.04 -8.38 -7.60
N ARG A 133 25.84 -7.51 -8.21
CA ARG A 133 26.97 -7.98 -9.03
C ARG A 133 28.04 -8.61 -8.12
N LYS A 134 28.54 -9.82 -8.50
CA LYS A 134 29.45 -10.51 -7.59
C LYS A 134 30.75 -9.76 -7.45
N ALA A 135 31.22 -9.16 -8.54
CA ALA A 135 32.57 -8.57 -8.52
C ALA A 135 32.65 -7.36 -7.59
N ASP A 136 31.70 -6.41 -7.70
CA ASP A 136 31.82 -5.16 -6.95
C ASP A 136 30.67 -4.92 -5.98
N LYS A 137 29.78 -5.90 -5.81
CA LYS A 137 28.66 -5.92 -4.86
C LYS A 137 27.62 -4.82 -5.14
N LYS A 138 27.66 -4.26 -6.35
CA LYS A 138 26.66 -3.27 -6.78
C LYS A 138 25.26 -3.88 -6.73
N LEU A 139 24.36 -3.17 -6.09
CA LEU A 139 22.98 -3.69 -6.04
C LEU A 139 22.25 -3.47 -7.37
N LEU A 140 21.59 -4.52 -7.86
CA LEU A 140 20.99 -4.49 -9.18
C LEU A 140 19.48 -4.67 -9.16
N ALA A 141 18.93 -5.36 -8.17
CA ALA A 141 17.52 -5.66 -8.20
C ALA A 141 17.10 -6.02 -6.78
N PHE A 142 15.78 -5.87 -6.47
CA PHE A 142 15.30 -6.06 -5.12
C PHE A 142 13.85 -6.48 -5.19
N ILE A 143 13.45 -7.27 -4.20
CA ILE A 143 12.01 -7.50 -3.96
C ILE A 143 11.87 -7.82 -2.49
N ALA A 144 10.76 -7.40 -1.88
CA ALA A 144 10.64 -7.60 -0.43
C ALA A 144 9.31 -8.24 -0.10
N GLY A 145 9.33 -9.17 0.82
CA GLY A 145 8.11 -9.70 1.40
C GLY A 145 8.11 -9.46 2.90
N VAL A 146 6.93 -9.19 3.44
CA VAL A 146 6.77 -9.13 4.88
C VAL A 146 5.55 -9.95 5.28
N PRO A 147 5.49 -10.49 6.49
CA PRO A 147 4.31 -11.26 6.91
C PRO A 147 3.15 -10.32 7.15
N VAL A 148 1.98 -10.82 6.85
CA VAL A 148 0.74 -10.12 7.19
C VAL A 148 -0.30 -11.19 7.51
N THR A 149 -1.18 -10.91 8.48
CA THR A 149 -2.30 -11.79 8.81
C THR A 149 -3.51 -11.18 8.13
N LEU A 150 -4.07 -11.87 7.12
CA LEU A 150 -5.14 -11.32 6.31
C LEU A 150 -6.38 -12.20 6.37
N ARG A 151 -7.52 -11.58 6.59
CA ARG A 151 -8.79 -12.22 6.27
C ARG A 151 -9.00 -12.16 4.78
N MET A 152 -9.23 -13.31 4.16
CA MET A 152 -9.30 -13.42 2.72
C MET A 152 -10.25 -14.59 2.37
N GLY A 153 -11.20 -14.86 3.25
CA GLY A 153 -12.24 -15.83 2.93
C GLY A 153 -13.27 -15.26 1.97
N THR A 154 -14.18 -16.15 1.58
CA THR A 154 -15.21 -15.77 0.62
C THR A 154 -15.95 -14.48 1.00
N PRO A 155 -16.15 -13.58 0.05
CA PRO A 155 -16.80 -12.30 0.39
C PRO A 155 -18.24 -12.53 0.82
N LYS A 156 -18.76 -11.52 1.53
CA LYS A 156 -20.08 -11.58 2.17
C LYS A 156 -21.20 -11.95 1.21
N TYR A 157 -21.26 -11.28 0.05
CA TYR A 157 -22.37 -11.57 -0.86
C TYR A 157 -22.28 -12.99 -1.40
N MET A 158 -21.07 -13.43 -1.74
CA MET A 158 -20.98 -14.81 -2.19
C MET A 158 -21.35 -15.79 -1.07
N LYS A 159 -21.11 -15.44 0.20
CA LYS A 159 -21.55 -16.28 1.33
C LYS A 159 -23.06 -16.25 1.48
N VAL A 160 -23.69 -15.11 1.21
CA VAL A 160 -25.14 -15.07 1.22
C VAL A 160 -25.70 -16.05 0.20
N LYS A 161 -25.17 -16.03 -1.01
N LYS A 161 -25.15 -16.05 -1.02
CA LYS A 161 -25.69 -16.96 -2.02
CA LYS A 161 -25.69 -16.93 -2.06
C LYS A 161 -25.37 -18.39 -1.65
C LYS A 161 -25.22 -18.38 -1.91
N ALA A 162 -24.16 -18.62 -1.12
CA ALA A 162 -23.78 -19.98 -0.78
C ALA A 162 -24.72 -20.54 0.27
N GLN A 163 -25.12 -19.72 1.23
CA GLN A 163 -26.04 -20.18 2.25
C GLN A 163 -27.42 -20.43 1.67
N GLU A 164 -27.85 -19.66 0.66
CA GLU A 164 -29.13 -19.97 0.03
C GLU A 164 -29.11 -21.36 -0.58
N LYS A 165 -27.95 -21.79 -1.09
CA LYS A 165 -27.76 -23.05 -1.82
C LYS A 165 -27.25 -24.20 -0.93
N GLY A 166 -27.12 -23.99 0.38
CA GLY A 166 -26.62 -25.11 1.16
C GLY A 166 -25.12 -25.35 1.02
N GLU A 167 -24.36 -24.32 0.64
CA GLU A 167 -22.93 -24.42 0.38
C GLU A 167 -22.15 -23.56 1.34
N GLY A 168 -22.77 -23.20 2.46
CA GLY A 168 -22.13 -22.26 3.38
C GLY A 168 -20.82 -22.81 3.91
N GLU A 169 -20.76 -24.11 4.13
CA GLU A 169 -19.54 -24.71 4.68
C GLU A 169 -18.36 -24.51 3.74
N GLU A 170 -18.52 -24.86 2.46
CA GLU A 170 -17.45 -24.68 1.49
C GLU A 170 -17.11 -23.19 1.35
N ALA A 171 -18.12 -22.35 1.40
CA ALA A 171 -17.90 -20.92 1.26
C ALA A 171 -17.14 -20.35 2.46
N ALA A 172 -17.31 -20.93 3.64
CA ALA A 172 -16.72 -20.40 4.85
C ALA A 172 -15.39 -21.08 5.21
N LYS A 173 -14.95 -22.02 4.38
CA LYS A 173 -13.85 -22.94 4.69
C LYS A 173 -12.56 -22.19 5.01
N TYR A 174 -12.33 -21.08 4.34
CA TYR A 174 -11.06 -20.33 4.45
C TYR A 174 -11.26 -18.99 5.13
N ASP A 175 -12.16 -18.96 6.13
CA ASP A 175 -12.51 -17.71 6.80
C ASP A 175 -11.49 -17.29 7.84
N GLU A 176 -10.78 -18.27 8.41
CA GLU A 176 -9.75 -18.04 9.41
C GLU A 176 -8.71 -17.09 8.84
N PRO A 177 -8.36 -16.00 9.55
CA PRO A 177 -7.27 -15.13 9.06
C PRO A 177 -6.04 -15.98 8.77
N ARG A 178 -5.36 -15.66 7.66
CA ARG A 178 -4.25 -16.49 7.19
C ARG A 178 -2.94 -15.75 7.34
N HIS A 179 -1.88 -16.45 7.70
CA HIS A 179 -0.57 -15.84 7.76
C HIS A 179 0.06 -15.97 6.37
N ILE A 180 0.15 -14.84 5.65
CA ILE A 180 0.63 -14.86 4.25
C ILE A 180 1.75 -13.83 4.08
N CYS A 181 2.16 -13.63 2.82
CA CYS A 181 3.27 -12.74 2.45
C CYS A 181 2.70 -11.53 1.72
N GLU A 182 3.10 -10.34 2.13
CA GLU A 182 2.82 -9.15 1.35
C GLU A 182 4.08 -8.73 0.62
N ILE A 183 3.97 -8.59 -0.71
CA ILE A 183 5.11 -8.28 -1.56
C ILE A 183 5.08 -6.81 -1.94
N ASN A 184 6.24 -6.17 -1.92
CA ASN A 184 6.36 -4.76 -2.31
C ASN A 184 7.80 -4.52 -2.75
N PHE A 185 8.01 -3.35 -3.38
CA PHE A 185 9.36 -2.84 -3.69
C PHE A 185 10.08 -3.69 -4.72
N LEU A 186 9.37 -4.32 -5.64
CA LEU A 186 10.03 -5.00 -6.76
C LEU A 186 10.71 -3.95 -7.66
N CYS A 187 12.02 -4.11 -7.88
CA CYS A 187 12.74 -3.08 -8.63
C CYS A 187 13.92 -3.71 -9.35
N VAL A 188 14.05 -3.41 -10.66
CA VAL A 188 15.22 -3.85 -11.44
C VAL A 188 15.91 -2.59 -11.95
N HIS A 189 17.22 -2.52 -11.76
CA HIS A 189 17.96 -1.37 -12.24
C HIS A 189 17.60 -1.07 -13.68
N LYS A 190 17.56 0.22 -14.01
CA LYS A 190 17.20 0.68 -15.36
C LYS A 190 18.11 0.08 -16.45
N GLN A 191 19.38 -0.19 -16.13
CA GLN A 191 20.25 -0.78 -17.14
C GLN A 191 20.01 -2.26 -17.36
N LEU A 192 19.22 -2.91 -16.50
CA LEU A 192 18.93 -4.34 -16.64
C LEU A 192 17.47 -4.63 -17.00
N ARG A 193 16.75 -3.63 -17.53
CA ARG A 193 15.32 -3.82 -17.83
C ARG A 193 15.14 -4.69 -19.07
N GLU A 194 14.03 -5.43 -19.09
CA GLU A 194 13.57 -6.24 -20.24
C GLU A 194 14.52 -7.39 -20.52
N LYS A 195 15.17 -7.88 -19.46
CA LYS A 195 16.02 -9.04 -19.50
C LYS A 195 15.44 -10.20 -18.71
N ARG A 196 14.12 -10.20 -18.47
CA ARG A 196 13.45 -11.24 -17.70
C ARG A 196 14.05 -11.42 -16.33
N LEU A 197 14.59 -10.34 -15.72
CA LEU A 197 15.08 -10.53 -14.35
C LEU A 197 13.98 -10.46 -13.31
N ALA A 198 12.91 -9.73 -13.58
CA ALA A 198 11.82 -9.68 -12.60
C ALA A 198 11.16 -11.04 -12.38
N PRO A 199 10.92 -11.87 -13.38
CA PRO A 199 10.43 -13.23 -13.09
C PRO A 199 11.36 -14.01 -12.17
N ILE A 200 12.69 -13.87 -12.33
CA ILE A 200 13.65 -14.59 -11.48
C ILE A 200 13.55 -14.10 -10.04
N LEU A 201 13.47 -12.78 -9.84
CA LEU A 201 13.19 -12.21 -8.53
C LEU A 201 11.94 -12.80 -7.90
N ILE A 202 10.88 -12.84 -8.67
CA ILE A 202 9.58 -13.31 -8.18
C ILE A 202 9.67 -14.79 -7.84
N LYS A 203 10.32 -15.59 -8.70
CA LYS A 203 10.47 -17.02 -8.37
C LYS A 203 11.30 -17.27 -7.12
N GLU A 204 12.38 -16.50 -6.94
CA GLU A 204 13.21 -16.68 -5.76
C GLU A 204 12.49 -16.24 -4.51
N ALA A 205 11.76 -15.11 -4.56
CA ALA A 205 10.94 -14.75 -3.40
C ALA A 205 9.92 -15.83 -3.09
N THR A 206 9.27 -16.35 -4.14
CA THR A 206 8.27 -17.43 -3.94
C THR A 206 8.89 -18.63 -3.26
N ARG A 207 10.10 -19.01 -3.68
CA ARG A 207 10.80 -20.14 -3.07
C ARG A 207 11.04 -19.90 -1.58
N ARG A 208 11.55 -18.70 -1.23
CA ARG A 208 11.90 -18.42 0.16
C ARG A 208 10.67 -18.35 1.04
N VAL A 209 9.56 -17.83 0.48
CA VAL A 209 8.32 -17.80 1.24
C VAL A 209 7.78 -19.21 1.41
N ASN A 210 7.77 -19.99 0.35
CA ASN A 210 7.30 -21.37 0.38
C ASN A 210 8.11 -22.21 1.37
N ARG A 211 9.43 -21.93 1.50
CA ARG A 211 10.24 -22.67 2.46
C ARG A 211 9.81 -22.40 3.91
N THR A 212 9.07 -21.32 4.17
CA THR A 212 8.53 -21.03 5.50
C THR A 212 7.08 -21.48 5.62
N ASN A 213 6.61 -22.34 4.69
CA ASN A 213 5.28 -22.91 4.72
C ASN A 213 4.20 -21.86 4.56
N VAL A 214 4.48 -20.85 3.73
CA VAL A 214 3.46 -19.88 3.34
C VAL A 214 3.29 -19.98 1.85
N TRP A 215 2.04 -19.99 1.40
CA TRP A 215 1.70 -20.35 0.03
C TRP A 215 0.86 -19.33 -0.69
N GLN A 216 0.50 -18.22 -0.02
CA GLN A 216 -0.25 -17.15 -0.64
C GLN A 216 0.51 -15.86 -0.45
N ALA A 217 0.32 -14.95 -1.41
CA ALA A 217 0.81 -13.59 -1.23
C ALA A 217 -0.26 -12.62 -1.66
N VAL A 218 -0.13 -11.38 -1.17
CA VAL A 218 -0.95 -10.26 -1.61
C VAL A 218 -0.01 -9.17 -2.10
N TYR A 219 -0.37 -8.53 -3.21
CA TYR A 219 0.45 -7.44 -3.73
C TYR A 219 -0.46 -6.47 -4.46
N THR A 220 0.04 -5.27 -4.69
CA THR A 220 -0.65 -4.30 -5.53
C THR A 220 0.26 -3.84 -6.65
N ALA A 221 -0.33 -3.33 -7.69
CA ALA A 221 0.46 -2.67 -8.72
C ALA A 221 -0.40 -1.65 -9.41
N GLY A 222 0.24 -0.64 -9.99
CA GLY A 222 -0.49 0.29 -10.86
C GLY A 222 -0.68 -0.19 -12.28
N VAL A 223 -0.06 -1.29 -12.65
CA VAL A 223 -0.19 -1.85 -13.97
C VAL A 223 -1.18 -3.02 -13.89
N LEU A 224 -1.75 -3.35 -15.05
CA LEU A 224 -2.70 -4.48 -15.15
C LEU A 224 -1.98 -5.79 -15.46
N LEU A 225 -2.06 -6.74 -14.54
CA LEU A 225 -1.47 -8.10 -14.63
C LEU A 225 -2.58 -9.13 -14.47
N PRO A 226 -2.38 -10.40 -14.80
CA PRO A 226 -3.41 -11.41 -14.47
C PRO A 226 -3.35 -11.73 -12.99
N THR A 227 -4.49 -11.62 -12.27
CA THR A 227 -5.72 -10.88 -12.61
C THR A 227 -6.15 -10.23 -11.29
N PRO A 228 -6.51 -8.94 -11.28
CA PRO A 228 -6.85 -8.31 -10.00
C PRO A 228 -8.14 -8.84 -9.42
N TYR A 229 -8.20 -8.90 -8.08
CA TYR A 229 -9.51 -9.09 -7.49
C TYR A 229 -10.19 -7.78 -7.17
N ALA A 230 -9.49 -6.66 -7.21
CA ALA A 230 -10.13 -5.37 -6.98
C ALA A 230 -9.28 -4.31 -7.64
N SER A 231 -9.90 -3.18 -7.94
CA SER A 231 -9.14 -2.10 -8.55
C SER A 231 -9.74 -0.80 -8.09
N GLY A 232 -8.88 0.12 -7.63
CA GLY A 232 -9.42 1.34 -7.07
C GLY A 232 -8.75 2.52 -7.72
N GLN A 233 -9.52 3.55 -8.06
CA GLN A 233 -8.94 4.74 -8.63
C GLN A 233 -8.10 5.47 -7.58
N TYR A 234 -7.02 6.12 -8.05
CA TYR A 234 -6.26 7.05 -7.25
C TYR A 234 -7.07 8.33 -7.05
N PHE A 235 -6.84 8.98 -5.91
CA PHE A 235 -7.43 10.28 -5.60
C PHE A 235 -6.37 11.16 -4.98
N HIS A 236 -6.45 12.45 -5.26
CA HIS A 236 -5.44 13.42 -4.81
C HIS A 236 -6.16 14.63 -4.25
N ARG A 237 -5.60 15.20 -3.20
CA ARG A 237 -6.13 16.42 -2.58
C ARG A 237 -5.01 17.44 -2.55
N SER A 238 -5.11 18.45 -3.39
CA SER A 238 -4.08 19.48 -3.43
CA SER A 238 -4.08 19.47 -3.42
C SER A 238 -4.01 20.24 -2.11
N LEU A 239 -2.78 20.35 -1.55
CA LEU A 239 -2.54 21.19 -0.39
C LEU A 239 -1.71 22.43 -0.75
N ASN A 240 -0.91 22.33 -1.82
CA ASN A 240 -0.05 23.45 -2.26
C ASN A 240 -0.22 23.57 -3.77
N PRO A 241 -1.36 24.12 -4.22
CA PRO A 241 -1.66 24.05 -5.65
C PRO A 241 -0.69 24.82 -6.55
N GLU A 242 -0.11 25.91 -6.06
CA GLU A 242 0.86 26.64 -6.87
C GLU A 242 2.06 25.75 -7.23
N LYS A 243 2.59 25.01 -6.26
CA LYS A 243 3.68 24.10 -6.56
C LYS A 243 3.22 22.95 -7.43
N LEU A 244 2.03 22.40 -7.13
CA LEU A 244 1.58 21.25 -7.94
C LEU A 244 1.38 21.61 -9.41
N VAL A 245 0.93 22.83 -9.68
CA VAL A 245 0.77 23.27 -11.06
C VAL A 245 2.12 23.52 -11.71
N GLU A 246 3.04 24.16 -10.98
CA GLU A 246 4.38 24.41 -11.54
C GLU A 246 5.09 23.11 -11.96
N ILE A 247 4.99 22.04 -11.16
CA ILE A 247 5.70 20.79 -11.47
C ILE A 247 4.88 19.87 -12.35
N ARG A 248 3.69 20.30 -12.79
CA ARG A 248 2.84 19.54 -13.70
C ARG A 248 2.28 18.28 -13.07
N PHE A 249 2.24 18.22 -11.75
CA PHE A 249 1.37 17.22 -11.12
C PHE A 249 -0.09 17.50 -11.42
N SER A 250 -0.46 18.78 -11.36
CA SER A 250 -1.78 19.31 -11.59
C SER A 250 -1.72 20.32 -12.72
N GLY A 251 -2.89 20.66 -13.26
CA GLY A 251 -3.01 21.72 -14.22
C GLY A 251 -4.01 22.72 -13.67
N ILE A 252 -4.09 23.85 -14.35
CA ILE A 252 -5.21 24.77 -14.19
C ILE A 252 -6.31 24.32 -15.13
N PRO A 253 -7.43 23.84 -14.63
CA PRO A 253 -8.51 23.38 -15.51
C PRO A 253 -9.07 24.50 -16.36
N ALA A 254 -9.74 24.10 -17.46
CA ALA A 254 -10.37 25.07 -18.35
C ALA A 254 -11.32 26.02 -17.62
N GLN A 255 -12.17 25.53 -16.72
CA GLN A 255 -13.11 26.48 -16.11
C GLN A 255 -12.40 27.54 -15.30
N TYR A 256 -11.27 27.21 -14.70
CA TYR A 256 -10.58 28.27 -13.99
C TYR A 256 -10.06 29.35 -14.94
N GLN A 257 -10.04 29.08 -16.27
CA GLN A 257 -9.67 30.09 -17.26
C GLN A 257 -10.68 31.23 -17.38
N LYS A 258 -11.92 31.04 -16.97
CA LYS A 258 -12.87 32.15 -17.01
C LYS A 258 -12.77 33.04 -15.78
N PHE A 259 -11.70 32.92 -15.00
CA PHE A 259 -11.41 33.86 -13.93
C PHE A 259 -10.28 34.80 -14.35
N GLN A 260 -10.31 36.00 -13.79
CA GLN A 260 -9.26 36.98 -14.02
C GLN A 260 -7.95 36.52 -13.44
N ASN A 261 -7.99 35.72 -12.37
CA ASN A 261 -6.80 35.18 -11.72
C ASN A 261 -7.04 33.70 -11.41
N PRO A 262 -6.83 32.84 -12.40
CA PRO A 262 -7.08 31.40 -12.19
C PRO A 262 -6.36 30.84 -10.98
N MET A 263 -5.11 31.22 -10.77
CA MET A 263 -4.35 30.60 -9.70
C MET A 263 -4.85 31.05 -8.34
N ALA A 264 -5.19 32.33 -8.19
CA ALA A 264 -5.81 32.79 -6.95
C ALA A 264 -7.07 31.99 -6.61
N MET A 265 -7.90 31.70 -7.61
CA MET A 265 -9.11 30.93 -7.35
C MET A 265 -8.80 29.47 -7.06
N LEU A 266 -7.78 28.91 -7.70
CA LEU A 266 -7.34 27.57 -7.32
C LEU A 266 -6.85 27.53 -5.88
N LYS A 267 -6.03 28.51 -5.46
CA LYS A 267 -5.59 28.57 -4.06
C LYS A 267 -6.78 28.70 -3.12
N ARG A 268 -7.78 29.54 -3.49
CA ARG A 268 -9.00 29.61 -2.68
C ARG A 268 -9.74 28.29 -2.61
N ASN A 269 -9.90 27.57 -3.75
CA ASN A 269 -10.57 26.27 -3.71
C ASN A 269 -9.94 25.36 -2.63
N TYR A 270 -8.61 25.40 -2.51
CA TYR A 270 -7.92 24.36 -1.76
C TYR A 270 -7.43 24.84 -0.41
N GLN A 271 -7.76 26.06 0.00
CA GLN A 271 -7.20 26.56 1.23
C GLN A 271 -7.76 25.84 2.44
N LEU A 272 -6.95 25.76 3.50
CA LEU A 272 -7.32 25.04 4.70
C LEU A 272 -6.98 25.81 5.96
N PRO A 273 -7.69 25.52 7.06
CA PRO A 273 -7.29 26.03 8.37
C PRO A 273 -5.88 25.61 8.72
N SER A 274 -5.23 26.39 9.61
CA SER A 274 -3.97 25.90 10.16
C SER A 274 -4.15 25.00 11.40
N ALA A 275 -5.17 25.24 12.18
CA ALA A 275 -5.37 24.47 13.40
C ALA A 275 -6.47 23.43 13.23
N PRO A 276 -6.29 22.21 13.74
CA PRO A 276 -7.35 21.20 13.65
C PRO A 276 -8.62 21.65 14.36
N LYS A 277 -9.73 21.09 13.94
CA LYS A 277 -10.99 21.50 14.52
C LYS A 277 -11.48 20.60 15.64
N ASN A 278 -11.05 19.35 15.71
CA ASN A 278 -11.65 18.44 16.68
C ASN A 278 -11.03 18.63 18.04
N SER A 279 -11.88 18.90 19.03
CA SER A 279 -11.42 18.90 20.41
CA SER A 279 -11.41 18.90 20.40
C SER A 279 -10.83 17.54 20.76
N GLY A 280 -9.70 17.59 21.43
CA GLY A 280 -9.06 16.41 21.95
C GLY A 280 -8.14 15.73 20.97
N LEU A 281 -7.92 16.32 19.77
CA LEU A 281 -6.98 15.71 18.82
C LEU A 281 -5.55 15.82 19.35
N ARG A 282 -4.78 14.72 19.28
CA ARG A 282 -3.38 14.74 19.69
C ARG A 282 -2.69 13.59 19.00
N GLU A 283 -1.38 13.61 19.02
CA GLU A 283 -0.63 12.51 18.44
C GLU A 283 -0.83 11.25 19.29
N MET A 284 -0.75 10.10 18.61
CA MET A 284 -0.89 8.82 19.30
C MET A 284 0.34 8.55 20.17
N LYS A 285 0.11 7.89 21.29
CA LYS A 285 1.21 7.46 22.14
C LYS A 285 1.04 5.99 22.47
N PRO A 286 2.09 5.34 23.00
CA PRO A 286 2.00 3.88 23.24
C PRO A 286 0.82 3.41 24.10
N SER A 287 0.42 4.18 25.12
CA SER A 287 -0.73 3.79 25.92
C SER A 287 -2.04 3.75 25.15
N ASP A 288 -2.09 4.33 23.93
CA ASP A 288 -3.29 4.28 23.09
C ASP A 288 -3.41 2.99 22.30
N VAL A 289 -2.39 2.14 22.30
CA VAL A 289 -2.38 1.00 21.41
C VAL A 289 -3.58 0.09 21.65
N PRO A 290 -3.95 -0.27 22.88
CA PRO A 290 -5.06 -1.21 23.01
C PRO A 290 -6.38 -0.64 22.51
N GLN A 291 -6.64 0.63 22.74
CA GLN A 291 -7.92 1.22 22.31
C GLN A 291 -7.92 1.43 20.81
N VAL A 292 -6.78 1.85 20.23
CA VAL A 292 -6.71 1.99 18.77
C VAL A 292 -6.90 0.64 18.11
N ARG A 293 -6.31 -0.39 18.69
CA ARG A 293 -6.48 -1.73 18.14
C ARG A 293 -7.94 -2.11 18.14
N ARG A 294 -8.62 -1.86 19.27
CA ARG A 294 -10.03 -2.23 19.35
C ARG A 294 -10.86 -1.52 18.30
N ILE A 295 -10.76 -0.19 18.23
CA ILE A 295 -11.67 0.46 17.29
C ILE A 295 -11.26 0.16 15.86
N LEU A 296 -9.97 0.03 15.61
CA LEU A 296 -9.55 -0.26 14.24
C LEU A 296 -10.02 -1.63 13.82
N MET A 297 -9.84 -2.64 14.68
CA MET A 297 -10.23 -4.00 14.29
C MET A 297 -11.74 -4.12 14.17
N ASN A 298 -12.51 -3.46 15.05
CA ASN A 298 -13.97 -3.45 14.88
C ASN A 298 -14.37 -2.92 13.51
N TYR A 299 -13.68 -1.92 13.03
CA TYR A 299 -13.96 -1.34 11.72
C TYR A 299 -13.48 -2.24 10.59
N LEU A 300 -12.21 -2.68 10.64
CA LEU A 300 -11.69 -3.44 9.50
C LEU A 300 -12.43 -4.74 9.34
N ASP A 301 -12.88 -5.30 10.45
CA ASP A 301 -13.56 -6.59 10.38
C ASP A 301 -14.81 -6.52 9.51
N SER A 302 -15.36 -5.35 9.22
CA SER A 302 -16.55 -5.26 8.40
C SER A 302 -16.28 -5.36 6.88
N PHE A 303 -15.03 -5.45 6.46
CA PHE A 303 -14.66 -5.50 5.05
C PHE A 303 -14.31 -6.94 4.68
N ASP A 304 -14.48 -7.24 3.41
CA ASP A 304 -14.27 -8.63 2.98
C ASP A 304 -12.80 -9.04 3.08
N VAL A 305 -11.88 -8.15 2.67
CA VAL A 305 -10.45 -8.43 2.70
C VAL A 305 -9.81 -7.41 3.65
N GLY A 306 -9.15 -7.86 4.70
CA GLY A 306 -8.59 -6.90 5.63
C GLY A 306 -7.56 -7.54 6.53
N PRO A 307 -6.63 -6.75 7.05
CA PRO A 307 -5.60 -7.30 7.94
C PRO A 307 -6.13 -7.48 9.34
N VAL A 308 -5.42 -8.30 10.10
CA VAL A 308 -5.67 -8.53 11.52
C VAL A 308 -4.38 -8.15 12.20
N PHE A 309 -4.43 -7.24 13.19
CA PHE A 309 -3.23 -6.71 13.79
C PHE A 309 -3.19 -7.06 15.27
N SER A 310 -2.03 -7.48 15.73
CA SER A 310 -1.74 -7.67 17.14
C SER A 310 -1.45 -6.29 17.75
N ASP A 311 -1.32 -6.25 19.07
CA ASP A 311 -0.87 -5.00 19.72
C ASP A 311 0.47 -4.56 19.15
N ALA A 312 1.38 -5.49 18.94
CA ALA A 312 2.70 -5.14 18.48
C ALA A 312 2.66 -4.58 17.07
N GLU A 313 1.76 -5.11 16.26
CA GLU A 313 1.63 -4.59 14.89
C GLU A 313 0.98 -3.21 14.89
N ILE A 314 -0.04 -2.99 15.74
CA ILE A 314 -0.62 -1.64 15.84
C ILE A 314 0.45 -0.65 16.24
N SER A 315 1.24 -1.02 17.24
CA SER A 315 2.33 -0.18 17.69
CA SER A 315 2.34 -0.19 17.70
C SER A 315 3.29 0.13 16.55
N HIS A 316 3.73 -0.91 15.84
CA HIS A 316 4.66 -0.70 14.75
C HIS A 316 4.09 0.15 13.64
N TYR A 317 2.89 -0.19 13.17
CA TYR A 317 2.41 0.49 11.96
C TYR A 317 1.74 1.83 12.26
N LEU A 318 1.45 2.14 13.51
CA LEU A 318 0.72 3.39 13.78
C LEU A 318 1.43 4.37 14.72
N LEU A 319 2.34 3.94 15.60
CA LEU A 319 2.95 4.97 16.42
C LEU A 319 3.75 5.94 15.56
N PRO A 320 3.67 7.24 15.84
CA PRO A 320 4.36 8.22 15.00
C PRO A 320 5.85 7.93 14.85
N ARG A 321 6.36 8.15 13.64
CA ARG A 321 7.80 8.12 13.34
C ARG A 321 8.09 9.30 12.46
N ASP A 322 9.03 10.14 12.90
CA ASP A 322 9.29 11.38 12.18
C ASP A 322 9.60 11.12 10.72
N GLY A 323 8.94 11.88 9.85
CA GLY A 323 9.19 11.80 8.45
C GLY A 323 8.62 10.58 7.76
N VAL A 324 7.91 9.70 8.47
CA VAL A 324 7.48 8.42 7.93
C VAL A 324 5.99 8.22 8.15
N VAL A 325 5.54 8.19 9.41
CA VAL A 325 4.12 7.89 9.70
C VAL A 325 3.62 8.82 10.83
N PHE A 326 2.38 9.29 10.66
CA PHE A 326 1.81 10.39 11.46
C PHE A 326 0.44 9.91 11.90
N THR A 327 0.20 9.84 13.21
CA THR A 327 -1.05 9.21 13.66
C THR A 327 -1.58 10.03 14.80
N TYR A 328 -2.84 10.37 14.71
CA TYR A 328 -3.53 11.26 15.63
C TYR A 328 -4.77 10.56 16.17
N VAL A 329 -5.04 10.74 17.48
CA VAL A 329 -6.23 10.20 18.10
C VAL A 329 -7.10 11.34 18.57
N VAL A 330 -8.42 11.07 18.66
CA VAL A 330 -9.36 11.97 19.35
C VAL A 330 -9.60 11.41 20.74
N GLU A 331 -9.09 12.11 21.76
CA GLU A 331 -9.27 11.69 23.15
C GLU A 331 -9.91 12.88 23.83
N ASN A 332 -11.23 12.98 23.68
CA ASN A 332 -11.96 14.19 24.09
C ASN A 332 -12.58 13.99 25.46
N ASP A 333 -11.76 14.11 26.49
CA ASP A 333 -12.20 13.94 27.88
C ASP A 333 -12.86 12.57 28.08
N LYS A 334 -12.43 11.61 27.26
CA LYS A 334 -12.99 10.27 27.16
C LYS A 334 -11.89 9.42 26.53
N LYS A 335 -11.96 8.09 26.74
CA LYS A 335 -11.02 7.23 26.04
C LYS A 335 -11.06 7.47 24.54
N VAL A 336 -9.96 7.13 23.88
CA VAL A 336 -9.84 7.37 22.44
C VAL A 336 -11.03 6.77 21.72
N THR A 337 -11.68 7.60 20.91
CA THR A 337 -12.86 7.22 20.18
C THR A 337 -12.69 7.26 18.66
N ASP A 338 -11.62 7.86 18.17
CA ASP A 338 -11.41 8.04 16.75
C ASP A 338 -9.91 8.17 16.51
N PHE A 339 -9.46 7.83 15.30
CA PHE A 339 -8.05 8.16 15.04
C PHE A 339 -7.87 8.19 13.53
N PHE A 340 -6.78 8.82 13.09
CA PHE A 340 -6.41 8.69 11.70
C PHE A 340 -4.88 8.59 11.61
N SER A 341 -4.42 8.10 10.46
CA SER A 341 -2.98 7.99 10.21
C SER A 341 -2.74 8.35 8.75
N PHE A 342 -1.54 8.86 8.47
CA PHE A 342 -1.07 9.01 7.10
C PHE A 342 0.43 8.75 7.10
N TYR A 343 0.93 8.31 5.96
CA TYR A 343 2.37 8.13 5.82
C TYR A 343 2.93 8.99 4.71
N ARG A 344 4.24 9.21 4.72
CA ARG A 344 4.89 10.15 3.82
C ARG A 344 5.73 9.39 2.81
N ILE A 345 5.59 9.71 1.52
CA ILE A 345 6.58 9.29 0.52
C ILE A 345 6.86 10.53 -0.28
N PRO A 346 8.07 11.06 -0.25
CA PRO A 346 8.41 12.12 -1.19
C PRO A 346 8.68 11.49 -2.54
N SER A 347 8.40 12.26 -3.59
CA SER A 347 8.80 11.84 -4.93
C SER A 347 9.80 12.83 -5.46
N THR A 348 10.83 12.30 -6.09
CA THR A 348 11.73 13.17 -6.85
C THR A 348 11.00 13.81 -8.01
N VAL A 349 11.12 15.12 -8.13
CA VAL A 349 10.53 15.86 -9.24
C VAL A 349 11.55 15.83 -10.37
N ILE A 350 11.58 14.73 -11.11
CA ILE A 350 12.67 14.50 -12.06
C ILE A 350 12.45 15.32 -13.30
N GLY A 351 11.23 15.78 -13.55
CA GLY A 351 10.91 16.51 -14.76
C GLY A 351 10.93 18.02 -14.65
N ASN A 352 11.37 18.58 -13.51
CA ASN A 352 11.27 20.02 -13.25
C ASN A 352 12.40 20.44 -12.32
N SER A 353 13.17 21.42 -12.74
CA SER A 353 14.34 21.86 -11.98
C SER A 353 14.02 22.83 -10.86
N ASN A 354 12.82 23.39 -10.83
CA ASN A 354 12.50 24.40 -9.82
C ASN A 354 12.21 23.79 -8.46
N TYR A 355 11.92 22.49 -8.39
CA TYR A 355 11.71 21.81 -7.12
C TYR A 355 12.43 20.48 -7.09
N ASN A 356 12.91 20.12 -5.90
CA ASN A 356 13.56 18.83 -5.76
C ASN A 356 12.58 17.71 -5.51
N LEU A 357 11.64 17.93 -4.59
CA LEU A 357 10.79 16.86 -4.09
C LEU A 357 9.34 17.32 -4.07
N LEU A 358 8.44 16.37 -4.29
CA LEU A 358 7.02 16.52 -4.06
C LEU A 358 6.72 15.80 -2.74
N ASN A 359 6.25 16.54 -1.75
CA ASN A 359 6.09 15.97 -0.41
C ASN A 359 4.65 15.47 -0.29
N ALA A 360 4.45 14.17 -0.48
CA ALA A 360 3.12 13.60 -0.50
C ALA A 360 2.79 12.85 0.81
N ALA A 361 1.57 13.08 1.31
CA ALA A 361 0.96 12.32 2.41
C ALA A 361 0.02 11.32 1.77
N TYR A 362 -0.11 10.16 2.39
CA TYR A 362 -0.97 9.06 1.91
C TYR A 362 -1.88 8.64 3.04
N VAL A 363 -3.19 8.67 2.81
CA VAL A 363 -4.08 8.25 3.88
C VAL A 363 -3.83 6.79 4.23
N HIS A 364 -3.72 6.51 5.53
CA HIS A 364 -3.35 5.19 6.02
C HIS A 364 -4.58 4.55 6.65
N TYR A 365 -4.50 4.01 7.84
CA TYR A 365 -5.68 3.50 8.53
C TYR A 365 -6.35 4.59 9.36
N TYR A 366 -7.64 4.40 9.62
CA TYR A 366 -8.38 5.32 10.47
C TYR A 366 -9.58 4.57 11.02
N ALA A 367 -10.24 5.18 12.03
CA ALA A 367 -11.51 4.64 12.52
C ALA A 367 -12.22 5.77 13.21
N ALA A 368 -13.53 5.89 12.94
CA ALA A 368 -14.37 6.93 13.52
C ALA A 368 -15.56 6.31 14.25
N THR A 369 -15.67 6.58 15.56
CA THR A 369 -16.85 6.15 16.32
C THR A 369 -17.64 7.33 16.90
N SER A 370 -17.07 8.53 16.98
CA SER A 370 -17.74 9.64 17.68
C SER A 370 -18.03 10.81 16.77
N ILE A 371 -17.39 10.88 15.61
CA ILE A 371 -17.55 12.01 14.69
C ILE A 371 -17.64 11.47 13.28
N PRO A 372 -18.25 12.24 12.38
CA PRO A 372 -18.34 11.82 10.97
C PRO A 372 -16.95 11.69 10.39
N LEU A 373 -16.82 10.71 9.49
CA LEU A 373 -15.51 10.48 8.89
C LEU A 373 -14.97 11.71 8.18
N HIS A 374 -15.84 12.50 7.50
CA HIS A 374 -15.31 13.68 6.82
C HIS A 374 -14.73 14.70 7.81
N GLN A 375 -15.29 14.78 9.03
CA GLN A 375 -14.75 15.70 10.03
C GLN A 375 -13.40 15.23 10.56
N LEU A 376 -13.25 13.90 10.69
CA LEU A 376 -11.97 13.31 11.11
C LEU A 376 -10.88 13.55 10.07
N ILE A 377 -11.21 13.31 8.78
CA ILE A 377 -10.20 13.43 7.74
C ILE A 377 -9.93 14.89 7.39
N LEU A 378 -10.88 15.79 7.64
CA LEU A 378 -10.49 17.20 7.50
C LEU A 378 -9.31 17.53 8.40
N ASP A 379 -9.29 17.02 9.62
CA ASP A 379 -8.12 17.29 10.44
C ASP A 379 -6.87 16.64 9.90
N LEU A 380 -6.98 15.48 9.25
CA LEU A 380 -5.82 14.90 8.58
C LEU A 380 -5.24 15.88 7.57
N LEU A 381 -6.10 16.46 6.73
CA LEU A 381 -5.62 17.42 5.73
C LEU A 381 -5.05 18.66 6.41
N ILE A 382 -5.68 19.16 7.47
CA ILE A 382 -5.17 20.33 8.19
C ILE A 382 -3.78 20.04 8.73
N VAL A 383 -3.62 18.87 9.38
CA VAL A 383 -2.29 18.54 9.94
C VAL A 383 -1.26 18.38 8.81
N ALA A 384 -1.63 17.66 7.75
CA ALA A 384 -0.67 17.48 6.66
C ALA A 384 -0.28 18.81 6.05
N HIS A 385 -1.24 19.70 5.85
CA HIS A 385 -0.87 21.00 5.29
C HIS A 385 0.03 21.80 6.23
N SER A 386 -0.27 21.76 7.51
CA SER A 386 0.52 22.50 8.48
CA SER A 386 0.52 22.50 8.48
C SER A 386 1.94 21.97 8.54
N ARG A 387 2.14 20.66 8.27
CA ARG A 387 3.47 20.05 8.30
C ARG A 387 4.20 20.19 6.99
N GLY A 388 3.65 20.95 6.06
CA GLY A 388 4.34 21.21 4.81
C GLY A 388 4.20 20.15 3.74
N PHE A 389 3.15 19.33 3.78
CA PHE A 389 2.89 18.43 2.67
C PHE A 389 2.23 19.16 1.50
N ASP A 390 2.51 18.69 0.28
CA ASP A 390 2.03 19.36 -0.93
C ASP A 390 0.73 18.78 -1.47
N VAL A 391 0.46 17.50 -1.15
CA VAL A 391 -0.72 16.80 -1.67
C VAL A 391 -1.00 15.67 -0.71
N CYS A 392 -2.27 15.25 -0.63
CA CYS A 392 -2.69 14.07 0.10
C CYS A 392 -3.28 13.10 -0.91
N ASN A 393 -2.80 11.88 -0.88
CA ASN A 393 -3.20 10.85 -1.85
C ASN A 393 -3.93 9.73 -1.15
N MET A 394 -4.77 9.02 -1.90
CA MET A 394 -5.36 7.80 -1.36
C MET A 394 -5.93 7.00 -2.52
N VAL A 395 -6.33 5.78 -2.23
CA VAL A 395 -7.09 4.94 -3.17
C VAL A 395 -8.47 4.77 -2.58
N GLU A 396 -9.47 4.50 -3.43
CA GLU A 396 -10.86 4.38 -2.94
C GLU A 396 -11.18 3.07 -2.21
N ILE A 397 -10.27 2.62 -1.34
CA ILE A 397 -10.55 1.48 -0.46
C ILE A 397 -11.18 1.99 0.81
N LEU A 398 -11.42 1.10 1.78
CA LEU A 398 -12.08 1.49 3.02
C LEU A 398 -13.37 2.31 2.77
N ASP A 399 -13.57 3.36 3.53
CA ASP A 399 -14.69 4.30 3.29
C ASP A 399 -14.16 5.62 2.71
N ASN A 400 -13.04 5.54 1.99
CA ASN A 400 -12.43 6.74 1.41
C ASN A 400 -13.36 7.48 0.46
N ARG A 401 -14.26 6.78 -0.27
CA ARG A 401 -15.18 7.53 -1.13
C ARG A 401 -16.10 8.45 -0.33
N SER A 402 -16.30 8.20 0.97
CA SER A 402 -17.33 8.93 1.68
C SER A 402 -16.97 10.37 1.95
N PHE A 403 -15.72 10.76 1.78
CA PHE A 403 -15.36 12.14 2.01
C PHE A 403 -14.68 12.79 0.82
N VAL A 404 -14.68 12.15 -0.35
CA VAL A 404 -14.01 12.70 -1.53
C VAL A 404 -14.55 14.09 -1.91
N GLU A 405 -15.86 14.20 -2.10
CA GLU A 405 -16.37 15.44 -2.65
C GLU A 405 -16.27 16.58 -1.66
N GLN A 406 -16.67 16.35 -0.42
CA GLN A 406 -16.66 17.43 0.53
C GLN A 406 -15.25 17.93 0.81
N LEU A 407 -14.27 17.03 0.83
CA LEU A 407 -12.91 17.46 1.18
C LEU A 407 -12.08 17.78 -0.05
N LYS A 408 -12.70 17.82 -1.24
CA LYS A 408 -12.08 18.29 -2.48
C LYS A 408 -10.95 17.39 -2.96
N PHE A 409 -11.08 16.09 -2.75
CA PHE A 409 -10.26 15.12 -3.46
C PHE A 409 -10.73 15.04 -4.90
N GLY A 410 -9.78 14.89 -5.80
CA GLY A 410 -10.09 14.64 -7.19
C GLY A 410 -9.61 13.28 -7.62
N ALA A 411 -10.38 12.65 -8.50
CA ALA A 411 -9.93 11.38 -9.08
C ALA A 411 -8.70 11.61 -9.95
N GLY A 412 -7.73 10.70 -9.83
CA GLY A 412 -6.54 10.75 -10.64
C GLY A 412 -6.59 9.87 -11.88
N ASP A 413 -5.41 9.70 -12.47
CA ASP A 413 -5.28 9.13 -13.82
C ASP A 413 -4.99 7.65 -13.84
N GLY A 414 -4.92 7.02 -12.67
CA GLY A 414 -4.53 5.63 -12.58
C GLY A 414 -5.37 4.88 -11.57
N HIS A 415 -5.05 3.59 -11.45
CA HIS A 415 -5.74 2.68 -10.54
C HIS A 415 -4.70 1.84 -9.83
N LEU A 416 -4.94 1.59 -8.58
CA LEU A 416 -4.17 0.60 -7.83
C LEU A 416 -4.94 -0.72 -7.90
N ARG A 417 -4.30 -1.74 -8.45
CA ARG A 417 -4.91 -3.05 -8.61
C ARG A 417 -4.40 -3.97 -7.50
N TYR A 418 -5.31 -4.71 -6.88
CA TYR A 418 -4.99 -5.65 -5.81
C TYR A 418 -5.02 -7.07 -6.36
N TYR A 419 -3.98 -7.84 -5.98
CA TYR A 419 -3.78 -9.19 -6.48
C TYR A 419 -3.49 -10.13 -5.35
N PHE A 420 -3.88 -11.41 -5.57
CA PHE A 420 -3.37 -12.51 -4.76
C PHE A 420 -2.56 -13.47 -5.63
N TYR A 421 -1.55 -14.02 -5.01
CA TYR A 421 -0.80 -15.15 -5.57
C TYR A 421 -1.33 -16.44 -4.95
N ASN A 422 -1.70 -17.42 -5.81
CA ASN A 422 -2.18 -18.76 -5.37
C ASN A 422 -3.41 -18.63 -4.49
N TRP A 423 -4.34 -17.76 -4.88
CA TRP A 423 -5.62 -17.64 -4.18
C TRP A 423 -6.68 -17.24 -5.16
N ALA A 424 -7.63 -18.13 -5.37
CA ALA A 424 -8.81 -17.80 -6.15
C ALA A 424 -9.72 -16.89 -5.35
N TYR A 425 -10.13 -15.81 -5.97
CA TYR A 425 -10.96 -14.87 -5.24
C TYR A 425 -11.92 -14.16 -6.17
N PRO A 426 -13.18 -14.00 -5.80
CA PRO A 426 -14.11 -13.32 -6.71
C PRO A 426 -13.71 -11.85 -6.83
N LYS A 427 -14.09 -11.25 -7.96
CA LYS A 427 -13.96 -9.80 -8.09
C LYS A 427 -14.79 -9.11 -7.02
N ILE A 428 -14.20 -8.16 -6.35
CA ILE A 428 -14.92 -7.35 -5.36
C ILE A 428 -14.66 -5.88 -5.68
N LYS A 429 -15.53 -5.04 -5.10
CA LYS A 429 -15.35 -3.61 -5.22
C LYS A 429 -14.20 -3.16 -4.32
N PRO A 430 -13.55 -2.02 -4.66
CA PRO A 430 -12.47 -1.56 -3.79
C PRO A 430 -12.94 -1.16 -2.41
N SER A 431 -14.23 -0.75 -2.28
CA SER A 431 -14.78 -0.42 -0.96
C SER A 431 -14.99 -1.64 -0.08
N GLN A 432 -14.63 -2.83 -0.56
CA GLN A 432 -14.67 -4.05 0.23
C GLN A 432 -13.25 -4.46 0.66
N VAL A 433 -12.26 -3.58 0.41
CA VAL A 433 -10.86 -3.87 0.71
C VAL A 433 -10.42 -2.94 1.84
N ALA A 434 -9.81 -3.51 2.88
CA ALA A 434 -9.38 -2.72 4.04
C ALA A 434 -7.86 -2.84 4.24
N LEU A 435 -7.14 -3.41 3.25
CA LEU A 435 -5.68 -3.50 3.34
C LEU A 435 -5.03 -2.29 2.68
N VAL A 436 -4.30 -1.49 3.48
CA VAL A 436 -3.53 -0.36 2.97
C VAL A 436 -2.13 -0.86 2.60
N MET A 437 -1.69 -0.60 1.37
CA MET A 437 -0.33 -0.91 0.98
C MET A 437 0.53 0.31 1.15
N LEU A 438 1.82 0.07 1.41
CA LEU A 438 2.79 1.15 1.59
C LEU A 438 3.50 1.47 0.29
#